data_6SOV
#
_entry.id   6SOV
#
_cell.length_a   80.893
_cell.length_b   102.685
_cell.length_c   103.687
_cell.angle_alpha   90.000
_cell.angle_beta   90.000
_cell.angle_gamma   90.000
#
_symmetry.space_group_name_H-M   'I 2 2 2'
#
loop_
_entity.id
_entity.type
_entity.pdbx_description
1 polymer 'Mitogen-activated protein kinase 14'
2 non-polymer 4-(4-FLUOROPHENYL)-1-(4-PIPERIDINYL)-5-(2-AMINO-4-PYRIMIDINYL)-IMIDAZOLE
3 non-polymer 'CALCIUM ION'
4 non-polymer 6-[2,5-bis(oxidanylidene)pyrrolidin-1-yl]pyridine-3-sulfonamide
5 non-polymer (5~{S},7~{R})-3-azanyladamantan-1-ol
6 non-polymer 'SULFATE ION'
7 water water
#
_entity_poly.entity_id   1
_entity_poly.type   'polypeptide(L)'
_entity_poly.pdbx_seq_one_letter_code
;GMSQERPTFYRQELNKTIWEVPERYQNLSPVGSGAYGSVCAAFDTKTGHRVAVKKLSRPFQSIIHAKRTYRELRLLKHMK
HENVIGLLDVFTPARSLEEFNDVYLVTHLMGADLNNIVKCQKLTDDHVQFLIYQILRGLKYIHSADIIHRDLKPSNLAVN
EDSELKILDFGLARHTDDEMTGYVATRWYRAPEIMLNWMHYNQTVDIWSVGCIMAELLTGRTLFPGTDHIDQLKLILRLV
GTPGAELLKKISSESARNYIQSLAQMPKMNFANVFIGANPLAVDLLEKMLVLDSDKRITAAQALAHAYFAQYHDPDDEPV
ADPYDQSFESRDLLIDEWKSLTYDEVISFVPPPLDQEEMES
;
_entity_poly.pdbx_strand_id   A
#
loop_
_chem_comp.id
_chem_comp.type
_chem_comp.name
_chem_comp.formula
CA non-polymer 'CALCIUM ION' 'Ca 2'
LOT non-polymer 6-[2,5-bis(oxidanylidene)pyrrolidin-1-yl]pyridine-3-sulfonamide 'C9 H9 N3 O4 S'
LOW non-polymer (5~{S},7~{R})-3-azanyladamantan-1-ol 'C10 H17 N O'
SB4 non-polymer 4-(4-FLUOROPHENYL)-1-(4-PIPERIDINYL)-5-(2-AMINO-4-PYRIMIDINYL)-IMIDAZOLE 'C18 H19 F N6'
SO4 non-polymer 'SULFATE ION' 'O4 S -2'
#
# COMPACT_ATOMS: atom_id res chain seq x y z
N PRO A 7 -10.72 -0.12 31.41
CA PRO A 7 -9.70 -1.17 31.29
C PRO A 7 -8.39 -0.79 31.97
N THR A 8 -7.73 -1.76 32.56
CA THR A 8 -6.44 -1.53 33.18
C THR A 8 -5.36 -1.54 32.11
N PHE A 9 -4.48 -0.54 32.14
CA PHE A 9 -3.36 -0.48 31.21
C PHE A 9 -2.10 -0.92 31.93
N TYR A 10 -1.13 -1.42 31.17
CA TYR A 10 0.19 -1.72 31.68
C TYR A 10 1.22 -1.07 30.77
N ARG A 11 2.43 -0.93 31.30
CA ARG A 11 3.53 -0.30 30.57
C ARG A 11 4.57 -1.35 30.24
N GLN A 12 5.14 -1.25 29.04
CA GLN A 12 6.20 -2.14 28.63
C GLN A 12 7.13 -1.38 27.70
N GLU A 13 8.43 -1.48 27.93
CA GLU A 13 9.38 -0.85 27.03
C GLU A 13 9.57 -1.73 25.80
N LEU A 14 9.25 -1.17 24.64
CA LEU A 14 9.38 -1.84 23.35
C LEU A 14 9.98 -0.83 22.40
N ASN A 15 10.98 -1.26 21.63
CA ASN A 15 11.70 -0.38 20.71
C ASN A 15 12.23 0.86 21.44
N LYS A 16 12.74 0.65 22.65
CA LYS A 16 13.38 1.69 23.46
C LYS A 16 12.41 2.76 23.94
N THR A 17 11.10 2.51 23.92
CA THR A 17 10.15 3.50 24.42
C THR A 17 9.00 2.80 25.14
N ILE A 18 8.32 3.55 26.00
N ILE A 18 8.32 3.54 26.02
CA ILE A 18 7.23 3.00 26.80
CA ILE A 18 7.25 2.96 26.83
C ILE A 18 5.98 2.90 25.94
C ILE A 18 5.98 2.90 26.00
N TRP A 19 5.43 1.70 25.87
CA TRP A 19 4.09 1.49 25.35
C TRP A 19 3.16 1.33 26.55
N GLU A 20 1.98 1.92 26.45
N GLU A 20 1.98 1.94 26.45
CA GLU A 20 0.95 1.78 27.49
CA GLU A 20 0.93 1.81 27.47
C GLU A 20 -0.28 1.19 26.82
C GLU A 20 -0.27 1.17 26.78
N VAL A 21 -0.59 -0.06 27.14
CA VAL A 21 -1.64 -0.77 26.43
C VAL A 21 -2.63 -1.44 27.38
N PRO A 22 -3.87 -1.64 26.94
CA PRO A 22 -4.85 -2.32 27.78
C PRO A 22 -4.43 -3.76 28.02
N GLU A 23 -4.80 -4.27 29.20
N GLU A 23 -4.79 -4.27 29.21
CA GLU A 23 -4.50 -5.66 29.55
CA GLU A 23 -4.49 -5.66 29.55
C GLU A 23 -5.09 -6.64 28.55
C GLU A 23 -5.07 -6.64 28.54
N ARG A 24 -6.07 -6.21 27.75
CA ARG A 24 -6.62 -7.07 26.71
C ARG A 24 -5.54 -7.57 25.75
N TYR A 25 -4.53 -6.76 25.47
CA TYR A 25 -3.50 -7.12 24.50
C TYR A 25 -2.26 -7.58 25.23
N GLN A 26 -1.83 -8.80 24.95
CA GLN A 26 -0.75 -9.41 25.72
C GLN A 26 0.35 -9.90 24.79
N ASN A 27 1.52 -10.14 25.39
CA ASN A 27 2.66 -10.75 24.71
C ASN A 27 3.12 -9.92 23.50
N LEU A 28 3.27 -8.61 23.71
CA LEU A 28 3.71 -7.75 22.63
C LEU A 28 5.16 -8.03 22.25
N SER A 29 5.42 -8.07 20.95
N SER A 29 5.43 -8.02 20.95
CA SER A 29 6.80 -8.18 20.50
CA SER A 29 6.76 -8.29 20.39
C SER A 29 6.94 -7.40 19.20
C SER A 29 6.93 -7.42 19.16
N PRO A 30 8.05 -6.71 19.01
CA PRO A 30 8.19 -5.82 17.84
C PRO A 30 8.28 -6.56 16.52
N VAL A 31 7.60 -6.02 15.51
CA VAL A 31 7.60 -6.58 14.16
C VAL A 31 7.84 -5.49 13.13
N GLY A 32 8.43 -4.38 13.52
CA GLY A 32 8.96 -3.40 12.59
C GLY A 32 8.27 -2.06 12.65
N SER A 33 8.84 -1.12 11.89
CA SER A 33 8.27 0.21 11.79
C SER A 33 7.14 0.21 10.79
N GLY A 34 6.21 1.15 10.98
CA GLY A 34 5.19 1.46 10.00
C GLY A 34 5.25 2.93 9.67
N ALA A 35 4.31 3.43 8.89
CA ALA A 35 4.30 4.85 8.57
C ALA A 35 4.06 5.64 9.86
N TYR A 36 5.03 6.48 10.22
CA TYR A 36 4.88 7.39 11.35
C TYR A 36 4.71 6.66 12.68
N GLY A 37 5.20 5.43 12.79
CA GLY A 37 4.97 4.66 13.99
C GLY A 37 5.74 3.36 13.93
N SER A 38 5.64 2.60 15.02
CA SER A 38 6.25 1.27 15.07
C SER A 38 5.19 0.27 15.50
N VAL A 39 5.43 -1.01 15.21
CA VAL A 39 4.38 -2.03 15.27
C VAL A 39 4.85 -3.20 16.12
N CYS A 40 3.95 -3.72 16.95
CA CYS A 40 4.16 -4.95 17.69
C CYS A 40 3.05 -5.93 17.40
N ALA A 41 3.41 -7.20 17.30
CA ALA A 41 2.42 -8.26 17.33
C ALA A 41 1.95 -8.48 18.76
N ALA A 42 0.70 -8.92 18.91
CA ALA A 42 0.12 -9.11 20.23
C ALA A 42 -0.95 -10.19 20.16
N PHE A 43 -1.32 -10.70 21.31
CA PHE A 43 -2.42 -11.64 21.47
C PHE A 43 -3.60 -10.90 22.06
N ASP A 44 -4.73 -10.93 21.37
CA ASP A 44 -5.98 -10.31 21.84
C ASP A 44 -6.71 -11.32 22.72
N THR A 45 -6.66 -11.13 24.04
CA THR A 45 -7.25 -12.10 24.96
C THR A 45 -8.77 -12.11 24.90
N LYS A 46 -9.39 -11.10 24.30
CA LYS A 46 -10.85 -11.07 24.22
C LYS A 46 -11.35 -12.09 23.20
N THR A 47 -10.62 -12.27 22.10
CA THR A 47 -11.09 -13.09 21.01
C THR A 47 -10.15 -14.22 20.65
N GLY A 48 -8.98 -14.30 21.30
CA GLY A 48 -8.00 -15.29 20.92
C GLY A 48 -7.33 -15.04 19.59
N HIS A 49 -7.49 -13.85 19.00
CA HIS A 49 -6.89 -13.56 17.71
C HIS A 49 -5.55 -12.87 17.88
N ARG A 50 -4.68 -13.05 16.90
CA ARG A 50 -3.41 -12.34 16.83
C ARG A 50 -3.61 -11.01 16.13
N VAL A 51 -3.03 -9.95 16.71
CA VAL A 51 -3.22 -8.62 16.18
C VAL A 51 -1.87 -7.93 16.03
N ALA A 52 -1.88 -6.84 15.28
CA ALA A 52 -0.72 -5.95 15.20
C ALA A 52 -1.15 -4.59 15.74
N VAL A 53 -0.34 -4.04 16.63
CA VAL A 53 -0.62 -2.76 17.30
C VAL A 53 0.44 -1.76 16.85
N LYS A 54 0.01 -0.66 16.26
CA LYS A 54 0.92 0.40 15.84
C LYS A 54 0.80 1.57 16.80
N LYS A 55 1.91 1.93 17.42
CA LYS A 55 1.99 3.14 18.25
C LYS A 55 2.47 4.28 17.37
N LEU A 56 1.66 5.32 17.21
CA LEU A 56 2.12 6.42 16.38
C LEU A 56 3.26 7.17 17.09
N SER A 57 4.22 7.63 16.30
CA SER A 57 5.37 8.35 16.82
C SER A 57 5.04 9.84 16.87
N ARG A 58 5.08 10.42 18.07
CA ARG A 58 4.87 11.84 18.29
C ARG A 58 3.70 12.36 17.45
N PRO A 59 2.49 11.83 17.66
CA PRO A 59 1.38 12.16 16.75
C PRO A 59 0.96 13.61 16.75
N PHE A 60 1.28 14.39 17.78
CA PHE A 60 0.85 15.79 17.83
C PHE A 60 2.01 16.75 18.03
N GLN A 61 3.18 16.39 17.51
CA GLN A 61 4.39 17.20 17.69
C GLN A 61 4.32 18.50 16.92
N SER A 62 3.65 18.50 15.78
CA SER A 62 3.53 19.66 14.93
C SER A 62 2.24 19.54 14.14
N ILE A 63 1.92 20.60 13.41
CA ILE A 63 0.76 20.58 12.53
C ILE A 63 0.88 19.48 11.48
N ILE A 64 2.11 19.16 11.08
CA ILE A 64 2.30 18.09 10.10
C ILE A 64 1.96 16.74 10.72
N HIS A 65 2.47 16.48 11.92
CA HIS A 65 2.17 15.22 12.59
C HIS A 65 0.69 15.15 12.94
N ALA A 66 0.12 16.24 13.45
CA ALA A 66 -1.25 16.19 13.92
C ALA A 66 -2.22 15.90 12.79
N LYS A 67 -2.02 16.55 11.64
CA LYS A 67 -2.93 16.31 10.53
C LYS A 67 -2.73 14.92 9.93
N ARG A 68 -1.48 14.44 9.90
CA ARG A 68 -1.28 13.09 9.36
C ARG A 68 -1.85 12.04 10.31
N THR A 69 -1.84 12.29 11.62
CA THR A 69 -2.49 11.40 12.58
C THR A 69 -3.99 11.32 12.29
N TYR A 70 -4.64 12.48 12.18
CA TYR A 70 -6.05 12.52 11.85
C TYR A 70 -6.31 11.83 10.52
N ARG A 71 -5.50 12.13 9.52
CA ARG A 71 -5.66 11.55 8.20
C ARG A 71 -5.63 10.02 8.26
N GLU A 72 -4.64 9.47 8.97
CA GLU A 72 -4.49 8.03 9.01
C GLU A 72 -5.64 7.38 9.77
N LEU A 73 -6.04 7.97 10.89
CA LEU A 73 -7.16 7.39 11.64
C LEU A 73 -8.46 7.44 10.85
N ARG A 74 -8.75 8.59 10.21
CA ARG A 74 -9.95 8.69 9.39
C ARG A 74 -9.94 7.66 8.27
N LEU A 75 -8.80 7.52 7.60
CA LEU A 75 -8.70 6.60 6.48
C LEU A 75 -8.91 5.16 6.95
N LEU A 76 -8.22 4.76 8.02
CA LEU A 76 -8.32 3.38 8.45
C LEU A 76 -9.69 3.06 9.02
N LYS A 77 -10.37 4.03 9.62
CA LYS A 77 -11.74 3.80 10.09
C LYS A 77 -12.70 3.57 8.93
N HIS A 78 -12.39 4.10 7.75
CA HIS A 78 -13.26 3.95 6.58
C HIS A 78 -13.04 2.65 5.83
N MET A 79 -11.85 2.05 5.93
CA MET A 79 -11.45 0.94 5.06
C MET A 79 -12.01 -0.36 5.60
N LYS A 80 -12.95 -0.96 4.86
CA LYS A 80 -13.60 -2.21 5.25
C LYS A 80 -13.57 -3.15 4.02
N HIS A 81 -12.42 -3.77 3.81
CA HIS A 81 -12.20 -4.64 2.67
C HIS A 81 -11.16 -5.70 3.03
N GLU A 82 -11.38 -6.93 2.56
CA GLU A 82 -10.50 -8.03 2.96
C GLU A 82 -9.07 -7.90 2.47
N ASN A 83 -8.81 -7.08 1.45
CA ASN A 83 -7.45 -6.89 0.94
C ASN A 83 -6.90 -5.51 1.25
N VAL A 84 -7.45 -4.83 2.25
CA VAL A 84 -6.99 -3.51 2.66
C VAL A 84 -6.90 -3.49 4.18
N ILE A 85 -5.80 -2.94 4.69
CA ILE A 85 -5.66 -2.82 6.15
C ILE A 85 -6.79 -1.94 6.69
N GLY A 86 -7.47 -2.44 7.72
CA GLY A 86 -8.49 -1.70 8.43
C GLY A 86 -8.33 -1.86 9.94
N LEU A 87 -9.29 -1.41 10.73
CA LEU A 87 -9.10 -1.28 12.16
C LEU A 87 -9.99 -2.26 12.92
N LEU A 88 -9.37 -3.03 13.82
CA LEU A 88 -10.06 -3.79 14.83
C LEU A 88 -10.30 -2.95 16.08
N ASP A 89 -9.42 -2.00 16.36
CA ASP A 89 -9.48 -1.24 17.60
C ASP A 89 -8.59 -0.01 17.43
N VAL A 90 -8.87 1.00 18.25
CA VAL A 90 -7.99 2.14 18.39
C VAL A 90 -8.11 2.57 19.84
N PHE A 91 -6.97 2.85 20.46
CA PHE A 91 -6.99 3.18 21.88
C PHE A 91 -5.95 4.23 22.24
N THR A 92 -6.16 4.82 23.42
CA THR A 92 -5.23 5.74 24.00
C THR A 92 -5.29 5.53 25.51
N PRO A 93 -4.15 5.66 26.20
CA PRO A 93 -4.19 5.64 27.68
C PRO A 93 -4.81 6.90 28.28
N ALA A 94 -5.04 7.93 27.48
CA ALA A 94 -5.58 9.18 27.98
C ALA A 94 -7.00 9.00 28.50
N ARG A 95 -7.31 9.65 29.62
CA ARG A 95 -8.66 9.62 30.17
C ARG A 95 -9.49 10.82 29.73
N SER A 96 -8.88 11.79 29.06
CA SER A 96 -9.57 12.99 28.61
C SER A 96 -8.73 13.61 27.49
N LEU A 97 -9.34 14.57 26.78
CA LEU A 97 -8.64 15.29 25.74
C LEU A 97 -7.41 16.00 26.28
N GLU A 98 -7.51 16.52 27.51
CA GLU A 98 -6.41 17.26 28.10
C GLU A 98 -5.18 16.39 28.31
N GLU A 99 -5.39 15.09 28.49
CA GLU A 99 -4.33 14.10 28.69
C GLU A 99 -3.89 13.45 27.40
N PHE A 100 -4.53 13.75 26.27
CA PHE A 100 -4.40 12.95 25.06
C PHE A 100 -3.12 13.31 24.32
N ASN A 101 -2.20 12.33 24.20
CA ASN A 101 -0.98 12.55 23.43
C ASN A 101 -0.45 11.29 22.76
N ASP A 102 -1.16 10.17 22.81
CA ASP A 102 -0.68 8.94 22.21
C ASP A 102 -1.85 8.17 21.60
N VAL A 103 -1.61 7.58 20.43
CA VAL A 103 -2.63 6.88 19.65
C VAL A 103 -2.08 5.53 19.24
N TYR A 104 -2.85 4.48 19.47
CA TYR A 104 -2.48 3.12 19.06
C TYR A 104 -3.58 2.57 18.17
N LEU A 105 -3.18 1.98 17.05
CA LEU A 105 -4.08 1.42 16.04
C LEU A 105 -3.89 -0.09 16.00
N VAL A 106 -4.98 -0.84 15.92
CA VAL A 106 -4.94 -2.30 16.00
C VAL A 106 -5.56 -2.89 14.74
N THR A 107 -4.88 -3.86 14.13
CA THR A 107 -5.42 -4.57 12.97
C THR A 107 -5.07 -6.06 13.09
N HIS A 108 -5.62 -6.88 12.20
CA HIS A 108 -5.26 -8.29 12.22
C HIS A 108 -3.78 -8.48 11.93
N LEU A 109 -3.15 -9.42 12.61
CA LEU A 109 -1.72 -9.66 12.40
C LEU A 109 -1.45 -10.29 11.04
N MET A 110 -0.53 -9.69 10.30
CA MET A 110 -0.04 -10.23 9.03
C MET A 110 1.46 -10.44 9.18
N GLY A 111 1.91 -11.68 9.00
CA GLY A 111 3.25 -12.04 9.43
C GLY A 111 4.39 -11.49 8.60
N ALA A 112 4.14 -11.09 7.36
CA ALA A 112 5.22 -10.87 6.40
C ALA A 112 4.84 -9.73 5.46
N ASP A 113 5.76 -9.40 4.55
CA ASP A 113 5.42 -8.58 3.39
C ASP A 113 5.70 -9.38 2.13
N LEU A 114 5.42 -8.78 0.97
CA LEU A 114 5.49 -9.55 -0.27
C LEU A 114 6.91 -10.01 -0.55
N ASN A 115 7.92 -9.27 -0.09
CA ASN A 115 9.31 -9.69 -0.24
C ASN A 115 9.58 -11.02 0.46
N ASN A 116 8.87 -11.32 1.55
N ASN A 116 8.81 -11.32 1.52
CA ASN A 116 9.11 -12.61 2.20
CA ASN A 116 8.94 -12.50 2.37
C ASN A 116 8.52 -13.76 1.39
C ASN A 116 8.06 -13.67 1.94
N ILE A 117 7.57 -13.48 0.52
N ILE A 117 7.24 -13.52 0.90
CA ILE A 117 6.92 -14.52 -0.28
CA ILE A 117 6.21 -14.52 0.62
C ILE A 117 7.78 -14.93 -1.47
C ILE A 117 6.73 -15.95 0.69
N VAL A 118 8.39 -13.95 -2.14
N VAL A 118 6.07 -16.79 1.48
CA VAL A 118 9.05 -14.22 -3.40
CA VAL A 118 6.46 -18.19 1.59
C VAL A 118 10.55 -14.48 -3.27
C VAL A 118 6.33 -18.85 0.23
N LYS A 119 11.16 -14.07 -2.15
N LYS A 119 7.35 -19.60 -0.17
CA LYS A 119 12.62 -14.09 -2.04
CA LYS A 119 7.40 -20.19 -1.50
C LYS A 119 13.17 -15.51 -2.23
C LYS A 119 8.31 -21.41 -1.45
N CYS A 120 12.65 -16.47 -1.48
N CYS A 120 8.13 -22.28 -2.43
CA CYS A 120 13.24 -17.81 -1.44
CA CYS A 120 8.95 -23.48 -2.59
C CYS A 120 12.33 -18.87 -2.03
C CYS A 120 9.78 -23.28 -3.85
N GLN A 121 11.42 -18.49 -2.92
N GLN A 121 10.99 -22.74 -3.67
CA GLN A 121 10.43 -19.40 -3.45
CA GLN A 121 11.93 -22.43 -4.75
C GLN A 121 10.18 -19.06 -4.91
C GLN A 121 11.46 -21.28 -5.64
N LYS A 122 10.40 -20.03 -5.79
N LYS A 122 10.30 -21.42 -6.26
CA LYS A 122 9.90 -19.92 -7.15
CA LYS A 122 9.77 -20.39 -7.16
C LYS A 122 8.39 -20.11 -7.11
C LYS A 122 8.26 -20.40 -7.11
N LEU A 123 7.65 -19.03 -7.33
N LEU A 123 7.67 -19.24 -7.34
CA LEU A 123 6.20 -19.11 -7.29
CA LEU A 123 6.22 -19.08 -7.29
C LEU A 123 5.67 -19.80 -8.53
C LEU A 123 5.58 -19.65 -8.56
N THR A 124 4.55 -20.47 -8.38
CA THR A 124 3.79 -20.95 -9.52
C THR A 124 2.97 -19.81 -10.12
N ASP A 125 2.58 -19.97 -11.38
CA ASP A 125 1.75 -18.95 -12.01
C ASP A 125 0.41 -18.82 -11.30
N ASP A 126 -0.16 -19.93 -10.83
CA ASP A 126 -1.44 -19.87 -10.12
C ASP A 126 -1.32 -19.02 -8.86
N HIS A 127 -0.17 -19.09 -8.21
CA HIS A 127 0.06 -18.35 -6.98
C HIS A 127 0.30 -16.88 -7.28
N VAL A 128 1.08 -16.59 -8.33
CA VAL A 128 1.24 -15.21 -8.77
C VAL A 128 -0.11 -14.59 -9.11
N GLN A 129 -0.97 -15.33 -9.82
CA GLN A 129 -2.31 -14.84 -10.10
C GLN A 129 -3.03 -14.42 -8.83
N PHE A 130 -2.97 -15.27 -7.80
CA PHE A 130 -3.70 -14.98 -6.56
C PHE A 130 -3.15 -13.74 -5.88
N LEU A 131 -1.83 -13.59 -5.85
CA LEU A 131 -1.22 -12.43 -5.20
C LEU A 131 -1.61 -11.14 -5.91
N ILE A 132 -1.47 -11.12 -7.24
CA ILE A 132 -1.78 -9.90 -7.99
C ILE A 132 -3.28 -9.61 -7.96
N TYR A 133 -4.11 -10.67 -8.07
CA TYR A 133 -5.56 -10.51 -7.97
C TYR A 133 -5.94 -9.76 -6.70
N GLN A 134 -5.35 -10.16 -5.57
CA GLN A 134 -5.70 -9.52 -4.30
C GLN A 134 -5.28 -8.06 -4.27
N ILE A 135 -4.10 -7.73 -4.80
CA ILE A 135 -3.70 -6.33 -4.88
C ILE A 135 -4.73 -5.54 -5.67
N LEU A 136 -5.14 -6.09 -6.82
CA LEU A 136 -6.06 -5.36 -7.69
C LEU A 136 -7.42 -5.21 -7.03
N ARG A 137 -7.88 -6.22 -6.30
CA ARG A 137 -9.16 -6.12 -5.60
C ARG A 137 -9.11 -5.01 -4.56
N GLY A 138 -8.01 -4.94 -3.80
CA GLY A 138 -7.87 -3.86 -2.83
C GLY A 138 -7.78 -2.50 -3.49
N LEU A 139 -7.05 -2.42 -4.60
CA LEU A 139 -6.96 -1.15 -5.33
C LEU A 139 -8.32 -0.73 -5.88
N LYS A 140 -9.11 -1.67 -6.42
CA LYS A 140 -10.42 -1.28 -6.91
C LYS A 140 -11.21 -0.60 -5.80
N TYR A 141 -11.14 -1.15 -4.61
CA TYR A 141 -11.85 -0.59 -3.48
C TYR A 141 -11.32 0.80 -3.11
N ILE A 142 -10.00 0.94 -2.90
CA ILE A 142 -9.53 2.26 -2.47
C ILE A 142 -9.72 3.29 -3.58
N HIS A 143 -9.47 2.92 -4.82
CA HIS A 143 -9.66 3.87 -5.92
C HIS A 143 -11.10 4.33 -6.02
N SER A 144 -12.06 3.47 -5.69
CA SER A 144 -13.47 3.85 -5.77
C SER A 144 -13.84 4.91 -4.76
N ALA A 145 -13.04 5.09 -3.70
CA ALA A 145 -13.24 6.18 -2.75
C ALA A 145 -12.31 7.37 -3.03
N ASP A 146 -11.76 7.44 -4.23
CA ASP A 146 -10.83 8.50 -4.62
C ASP A 146 -9.61 8.56 -3.70
N ILE A 147 -9.13 7.39 -3.28
CA ILE A 147 -7.92 7.24 -2.50
C ILE A 147 -6.89 6.54 -3.38
N ILE A 148 -5.69 7.10 -3.46
CA ILE A 148 -4.62 6.56 -4.28
C ILE A 148 -3.47 6.17 -3.34
N HIS A 149 -2.75 5.11 -3.68
CA HIS A 149 -1.62 4.76 -2.84
C HIS A 149 -0.44 5.69 -3.10
N ARG A 150 0.01 5.76 -4.35
CA ARG A 150 1.14 6.58 -4.81
C ARG A 150 2.53 6.00 -4.53
N ASP A 151 2.65 5.03 -3.63
CA ASP A 151 3.94 4.42 -3.34
C ASP A 151 3.77 2.93 -3.09
N LEU A 152 2.99 2.28 -3.95
CA LEU A 152 2.76 0.86 -3.82
C LEU A 152 4.02 0.08 -4.20
N LYS A 153 4.37 -0.92 -3.38
CA LYS A 153 5.61 -1.66 -3.52
C LYS A 153 5.50 -2.90 -2.62
N PRO A 154 6.39 -3.89 -2.81
CA PRO A 154 6.26 -5.12 -2.01
C PRO A 154 6.25 -4.88 -0.51
N SER A 155 7.01 -3.91 -0.02
CA SER A 155 7.09 -3.69 1.42
C SER A 155 5.84 -3.01 1.98
N ASN A 156 4.96 -2.52 1.11
CA ASN A 156 3.65 -1.99 1.50
C ASN A 156 2.51 -2.98 1.24
N LEU A 157 2.82 -4.24 1.09
CA LEU A 157 1.82 -5.30 0.94
C LEU A 157 2.04 -6.28 2.08
N ALA A 158 1.11 -6.31 3.02
CA ALA A 158 1.22 -7.24 4.15
C ALA A 158 0.62 -8.57 3.75
N VAL A 159 1.31 -9.67 4.09
CA VAL A 159 0.91 -11.00 3.66
C VAL A 159 0.95 -11.92 4.87
N ASN A 160 -0.02 -12.83 4.96
CA ASN A 160 -0.01 -13.78 6.06
C ASN A 160 0.48 -15.15 5.59
N GLU A 161 0.40 -16.13 6.48
CA GLU A 161 0.98 -17.45 6.24
C GLU A 161 0.26 -18.21 5.14
N ASP A 162 -0.93 -17.78 4.75
CA ASP A 162 -1.67 -18.41 3.67
C ASP A 162 -1.74 -17.56 2.42
N SER A 163 -0.81 -16.62 2.28
CA SER A 163 -0.68 -15.77 1.10
C SER A 163 -1.84 -14.81 0.94
N GLU A 164 -2.63 -14.58 1.99
CA GLU A 164 -3.64 -13.55 1.94
C GLU A 164 -2.94 -12.22 2.12
N LEU A 165 -3.37 -11.22 1.37
CA LEU A 165 -2.63 -9.99 1.21
C LEU A 165 -3.51 -8.78 1.50
N LYS A 166 -2.91 -7.76 2.12
CA LYS A 166 -3.59 -6.48 2.33
C LYS A 166 -2.68 -5.31 1.97
N ILE A 167 -3.26 -4.30 1.34
CA ILE A 167 -2.52 -3.08 1.01
C ILE A 167 -2.44 -2.22 2.25
N LEU A 168 -1.27 -1.63 2.51
CA LEU A 168 -1.21 -0.69 3.60
C LEU A 168 -0.37 0.52 3.23
N ASP A 169 -0.46 1.52 4.11
CA ASP A 169 0.25 2.77 3.95
C ASP A 169 -0.16 3.53 2.68
N PHE A 170 -1.41 3.36 2.27
CA PHE A 170 -2.02 4.10 1.16
C PHE A 170 -2.55 5.44 1.65
N GLY A 171 -2.71 6.36 0.71
CA GLY A 171 -3.35 7.63 1.00
C GLY A 171 -2.62 8.52 1.97
N LEU A 172 -1.34 8.27 2.20
CA LEU A 172 -0.56 9.02 3.18
C LEU A 172 0.44 9.93 2.45
N ALA A 173 1.03 10.83 3.24
CA ALA A 173 2.03 11.81 2.78
C ALA A 173 1.45 12.93 1.93
N TYR A 183 15.42 8.29 6.27
CA TYR A 183 14.77 7.19 5.58
C TYR A 183 14.89 7.38 4.07
N VAL A 184 15.37 6.36 3.37
CA VAL A 184 15.54 6.39 1.92
C VAL A 184 14.66 5.28 1.34
N ALA A 185 13.64 5.66 0.58
CA ALA A 185 12.70 4.69 0.05
C ALA A 185 13.13 4.19 -1.32
N THR A 186 12.73 2.96 -1.62
N THR A 186 12.75 2.96 -1.62
CA THR A 186 12.84 2.43 -2.98
CA THR A 186 12.95 2.50 -2.98
C THR A 186 11.92 3.21 -3.90
C THR A 186 11.95 3.16 -3.92
N ARG A 187 12.45 3.57 -5.08
CA ARG A 187 11.65 4.20 -6.13
C ARG A 187 11.36 3.24 -7.28
N TRP A 188 11.84 2.00 -7.19
CA TRP A 188 11.82 1.09 -8.32
C TRP A 188 10.40 0.75 -8.78
N TYR A 189 9.38 0.92 -7.93
CA TYR A 189 8.01 0.56 -8.25
C TYR A 189 7.13 1.77 -8.52
N ARG A 190 7.68 2.97 -8.42
CA ARG A 190 6.88 4.17 -8.52
C ARG A 190 6.52 4.45 -9.96
N ALA A 191 5.31 4.96 -10.15
CA ALA A 191 4.90 5.37 -11.49
C ALA A 191 5.81 6.48 -11.99
N PRO A 192 6.15 6.49 -13.27
CA PRO A 192 7.05 7.53 -13.79
C PRO A 192 6.53 8.92 -13.53
N GLU A 193 5.22 9.13 -13.61
CA GLU A 193 4.66 10.46 -13.36
C GLU A 193 4.83 10.89 -11.90
N ILE A 194 4.99 9.94 -10.98
CA ILE A 194 5.24 10.26 -9.57
C ILE A 194 6.73 10.49 -9.34
N MET A 195 7.55 9.54 -9.78
CA MET A 195 8.99 9.64 -9.54
C MET A 195 9.56 10.91 -10.14
N LEU A 196 8.99 11.39 -11.25
CA LEU A 196 9.52 12.52 -11.98
C LEU A 196 8.70 13.79 -11.80
N ASN A 197 7.68 13.77 -10.93
CA ASN A 197 6.90 14.96 -10.59
C ASN A 197 6.23 15.56 -11.83
N TRP A 198 5.58 14.72 -12.62
CA TRP A 198 4.82 15.22 -13.74
C TRP A 198 3.56 15.94 -13.26
N MET A 199 3.03 16.82 -14.11
CA MET A 199 2.04 17.81 -13.64
C MET A 199 0.69 17.18 -13.31
N HIS A 200 0.39 16.00 -13.85
CA HIS A 200 -0.91 15.40 -13.63
C HIS A 200 -0.76 13.88 -13.60
N TYR A 201 -1.66 13.24 -12.85
CA TYR A 201 -1.72 11.79 -12.83
C TYR A 201 -3.08 11.37 -12.27
N ASN A 202 -3.37 10.08 -12.40
CA ASN A 202 -4.63 9.56 -11.89
C ASN A 202 -4.40 8.32 -11.04
N GLN A 203 -5.48 7.62 -10.71
CA GLN A 203 -5.38 6.45 -9.86
C GLN A 203 -4.51 5.37 -10.47
N THR A 204 -4.35 5.36 -11.80
CA THR A 204 -3.55 4.30 -12.42
C THR A 204 -2.06 4.42 -12.12
N VAL A 205 -1.58 5.44 -11.39
CA VAL A 205 -0.21 5.38 -10.88
C VAL A 205 0.02 4.04 -10.18
N ASP A 206 -0.99 3.56 -9.46
CA ASP A 206 -0.82 2.34 -8.69
C ASP A 206 -0.75 1.12 -9.60
N ILE A 207 -1.34 1.20 -10.80
CA ILE A 207 -1.31 0.07 -11.73
C ILE A 207 0.08 -0.11 -12.30
N TRP A 208 0.81 0.98 -12.54
CA TRP A 208 2.21 0.85 -12.92
C TRP A 208 2.95 0.03 -11.88
N SER A 209 2.76 0.38 -10.60
CA SER A 209 3.41 -0.35 -9.52
C SER A 209 3.03 -1.83 -9.54
N VAL A 210 1.75 -2.15 -9.74
CA VAL A 210 1.35 -3.55 -9.87
C VAL A 210 2.12 -4.23 -10.98
N GLY A 211 2.27 -3.57 -12.14
CA GLY A 211 3.05 -4.16 -13.21
C GLY A 211 4.47 -4.45 -12.80
N CYS A 212 5.11 -3.52 -12.09
CA CYS A 212 6.48 -3.71 -11.63
C CYS A 212 6.56 -4.89 -10.66
N ILE A 213 5.59 -4.99 -9.75
CA ILE A 213 5.57 -6.07 -8.77
C ILE A 213 5.36 -7.41 -9.46
N MET A 214 4.37 -7.47 -10.35
CA MET A 214 4.06 -8.72 -11.03
C MET A 214 5.23 -9.20 -11.88
N ALA A 215 5.86 -8.28 -12.61
CA ALA A 215 7.05 -8.62 -13.38
C ALA A 215 8.08 -9.32 -12.51
N GLU A 216 8.35 -8.76 -11.33
CA GLU A 216 9.35 -9.32 -10.45
C GLU A 216 8.92 -10.68 -9.89
N LEU A 217 7.63 -10.87 -9.63
CA LEU A 217 7.17 -12.19 -9.21
C LEU A 217 7.37 -13.25 -10.28
N LEU A 218 7.30 -12.84 -11.56
CA LEU A 218 7.44 -13.80 -12.65
C LEU A 218 8.90 -14.12 -12.97
N THR A 219 9.79 -13.13 -12.87
CA THR A 219 11.19 -13.31 -13.28
C THR A 219 12.14 -13.51 -12.11
N GLY A 220 11.77 -13.09 -10.91
CA GLY A 220 12.70 -13.09 -9.80
C GLY A 220 13.65 -11.90 -9.77
N ARG A 221 13.51 -10.95 -10.68
CA ARG A 221 14.43 -9.84 -10.77
C ARG A 221 13.64 -8.54 -10.79
N THR A 222 14.22 -7.50 -10.19
CA THR A 222 13.62 -6.17 -10.24
C THR A 222 13.48 -5.73 -11.69
N LEU A 223 12.32 -5.17 -12.02
CA LEU A 223 12.09 -4.78 -13.41
C LEU A 223 12.91 -3.55 -13.80
N PHE A 224 12.94 -2.53 -12.96
CA PHE A 224 13.61 -1.27 -13.26
C PHE A 224 14.52 -0.85 -12.10
N PRO A 225 15.64 -1.56 -11.90
CA PRO A 225 16.50 -1.25 -10.74
C PRO A 225 17.45 -0.09 -11.01
N GLY A 226 16.90 1.10 -11.24
CA GLY A 226 17.72 2.25 -11.54
C GLY A 226 18.49 2.76 -10.33
N THR A 227 19.70 3.25 -10.58
CA THR A 227 20.54 3.80 -9.52
C THR A 227 20.15 5.22 -9.13
N ASP A 228 19.46 5.93 -10.02
CA ASP A 228 18.90 7.24 -9.74
C ASP A 228 17.72 7.41 -10.69
N HIS A 229 17.05 8.56 -10.60
CA HIS A 229 15.83 8.74 -11.38
C HIS A 229 16.11 8.76 -12.88
N ILE A 230 17.27 9.27 -13.30
CA ILE A 230 17.60 9.26 -14.72
C ILE A 230 17.89 7.85 -15.20
N ASP A 231 18.68 7.10 -14.44
CA ASP A 231 18.95 5.71 -14.77
C ASP A 231 17.65 4.90 -14.80
N GLN A 232 16.76 5.14 -13.84
CA GLN A 232 15.50 4.39 -13.82
C GLN A 232 14.66 4.71 -15.05
N LEU A 233 14.59 6.00 -15.42
CA LEU A 233 13.82 6.39 -16.60
C LEU A 233 14.38 5.71 -17.85
N LYS A 234 15.71 5.65 -17.99
CA LYS A 234 16.32 4.99 -19.14
C LYS A 234 15.96 3.50 -19.18
N LEU A 235 15.96 2.83 -18.02
CA LEU A 235 15.54 1.43 -18.00
C LEU A 235 14.09 1.28 -18.41
N ILE A 236 13.23 2.21 -17.96
CA ILE A 236 11.82 2.17 -18.33
C ILE A 236 11.65 2.34 -19.83
N LEU A 237 12.33 3.34 -20.40
CA LEU A 237 12.19 3.61 -21.82
C LEU A 237 12.73 2.47 -22.69
N ARG A 238 13.71 1.70 -22.18
CA ARG A 238 14.18 0.55 -22.95
C ARG A 238 13.10 -0.51 -23.10
N LEU A 239 12.25 -0.67 -22.09
CA LEU A 239 11.16 -1.63 -22.19
C LEU A 239 10.00 -1.07 -23.01
N VAL A 240 9.53 0.13 -22.68
CA VAL A 240 8.26 0.60 -23.22
C VAL A 240 8.43 1.46 -24.47
N GLY A 241 9.65 1.85 -24.80
CA GLY A 241 9.89 2.67 -25.97
C GLY A 241 9.84 4.15 -25.67
N THR A 242 10.46 4.92 -26.57
CA THR A 242 10.48 6.37 -26.46
C THR A 242 9.05 6.91 -26.54
N PRO A 243 8.69 7.87 -25.69
CA PRO A 243 7.34 8.43 -25.74
C PRO A 243 7.21 9.47 -26.86
N GLY A 244 5.97 9.78 -27.18
CA GLY A 244 5.68 10.82 -28.14
C GLY A 244 5.71 12.19 -27.51
N ALA A 245 5.55 13.20 -28.37
CA ALA A 245 5.53 14.58 -27.89
C ALA A 245 4.37 14.84 -26.95
N GLU A 246 3.25 14.14 -27.12
CA GLU A 246 2.11 14.31 -26.23
C GLU A 246 2.51 14.15 -24.77
N LEU A 247 3.39 13.19 -24.48
CA LEU A 247 3.78 12.97 -23.09
C LEU A 247 4.54 14.15 -22.52
N LEU A 248 5.31 14.86 -23.36
CA LEU A 248 6.03 16.05 -22.88
C LEU A 248 5.08 17.09 -22.31
N LYS A 249 3.82 17.10 -22.77
CA LYS A 249 2.83 18.03 -22.25
C LYS A 249 2.76 17.99 -20.74
N LYS A 250 3.05 16.84 -20.14
CA LYS A 250 2.87 16.57 -18.73
C LYS A 250 4.02 17.08 -17.86
N ILE A 251 5.13 17.52 -18.46
CA ILE A 251 6.39 17.71 -17.75
C ILE A 251 6.70 19.20 -17.72
N SER A 252 6.76 19.79 -16.52
CA SER A 252 6.94 21.24 -16.45
C SER A 252 8.37 21.66 -16.80
N SER A 253 9.36 20.95 -16.27
CA SER A 253 10.75 21.37 -16.39
C SER A 253 11.22 21.27 -17.85
N GLU A 254 11.71 22.40 -18.39
CA GLU A 254 12.22 22.40 -19.75
C GLU A 254 13.47 21.54 -19.89
N SER A 255 14.36 21.59 -18.89
CA SER A 255 15.57 20.77 -18.97
C SER A 255 15.22 19.29 -19.00
N ALA A 256 14.22 18.88 -18.23
CA ALA A 256 13.79 17.50 -18.26
C ALA A 256 13.19 17.13 -19.61
N ARG A 257 12.33 18.00 -20.15
CA ARG A 257 11.73 17.71 -21.45
C ARG A 257 12.80 17.65 -22.54
N ASN A 258 13.71 18.63 -22.53
CA ASN A 258 14.80 18.63 -23.50
C ASN A 258 15.64 17.36 -23.41
N TYR A 259 15.90 16.89 -22.18
CA TYR A 259 16.67 15.67 -22.02
C TYR A 259 15.96 14.49 -22.67
N ILE A 260 14.70 14.27 -22.31
CA ILE A 260 13.95 13.13 -22.83
C ILE A 260 13.86 13.19 -24.35
N GLN A 261 13.53 14.37 -24.88
CA GLN A 261 13.47 14.56 -26.32
C GLN A 261 14.80 14.28 -27.00
N SER A 262 15.90 14.55 -26.32
CA SER A 262 17.24 14.37 -26.88
C SER A 262 17.69 12.92 -26.90
N LEU A 263 17.02 12.03 -26.17
CA LEU A 263 17.45 10.63 -26.14
C LEU A 263 17.25 9.97 -27.49
N ALA A 264 18.16 9.06 -27.82
CA ALA A 264 18.02 8.28 -29.04
C ALA A 264 16.73 7.49 -28.97
N GLN A 265 16.01 7.45 -30.10
N GLN A 265 16.00 7.46 -30.09
CA GLN A 265 14.73 6.75 -30.14
CA GLN A 265 14.73 6.76 -30.13
C GLN A 265 14.92 5.27 -29.87
C GLN A 265 14.92 5.28 -29.87
N MET A 266 14.01 4.69 -29.09
CA MET A 266 14.03 3.27 -28.81
C MET A 266 12.66 2.66 -29.07
N PRO A 267 12.61 1.49 -29.69
CA PRO A 267 11.32 0.85 -29.91
C PRO A 267 10.84 0.17 -28.63
N LYS A 268 9.52 0.05 -28.55
CA LYS A 268 8.95 -0.77 -27.50
C LYS A 268 9.38 -2.23 -27.68
N MET A 269 9.69 -2.90 -26.56
CA MET A 269 10.06 -4.29 -26.65
C MET A 269 8.80 -5.16 -26.71
N ASN A 270 8.94 -6.33 -27.33
CA ASN A 270 7.90 -7.34 -27.26
C ASN A 270 8.02 -8.01 -25.90
N PHE A 271 7.01 -7.82 -25.03
CA PHE A 271 7.11 -8.33 -23.67
C PHE A 271 7.25 -9.84 -23.64
N ALA A 272 6.79 -10.53 -24.68
CA ALA A 272 6.98 -11.97 -24.77
C ALA A 272 8.46 -12.35 -24.83
N ASN A 273 9.32 -11.44 -25.28
CA ASN A 273 10.77 -11.64 -25.29
C ASN A 273 11.43 -11.27 -23.97
N VAL A 274 10.72 -10.58 -23.09
CA VAL A 274 11.25 -10.18 -21.80
C VAL A 274 10.87 -11.17 -20.72
N PHE A 275 9.62 -11.60 -20.72
CA PHE A 275 9.09 -12.56 -19.75
C PHE A 275 9.00 -13.94 -20.40
N ILE A 276 10.18 -14.52 -20.62
CA ILE A 276 10.29 -15.76 -21.39
C ILE A 276 9.66 -16.90 -20.62
N GLY A 277 8.77 -17.64 -21.28
CA GLY A 277 8.13 -18.78 -20.67
C GLY A 277 6.98 -18.45 -19.76
N ALA A 278 6.60 -17.19 -19.64
CA ALA A 278 5.48 -16.82 -18.81
C ALA A 278 4.16 -17.17 -19.50
N ASN A 279 3.12 -17.34 -18.68
CA ASN A 279 1.76 -17.50 -19.18
C ASN A 279 1.46 -16.36 -20.16
N PRO A 280 1.02 -16.66 -21.38
CA PRO A 280 0.76 -15.56 -22.32
C PRO A 280 -0.26 -14.56 -21.81
N LEU A 281 -1.18 -15.01 -20.95
CA LEU A 281 -2.13 -14.08 -20.34
C LEU A 281 -1.44 -13.13 -19.37
N ALA A 282 -0.38 -13.60 -18.69
CA ALA A 282 0.37 -12.71 -17.81
C ALA A 282 1.07 -11.64 -18.62
N VAL A 283 1.67 -12.05 -19.75
CA VAL A 283 2.36 -11.10 -20.61
C VAL A 283 1.38 -10.06 -21.13
N ASP A 284 0.19 -10.50 -21.52
CA ASP A 284 -0.79 -9.56 -22.05
C ASP A 284 -1.21 -8.54 -21.01
N LEU A 285 -1.45 -9.00 -19.77
CA LEU A 285 -1.80 -8.07 -18.71
C LEU A 285 -0.67 -7.07 -18.44
N LEU A 286 0.57 -7.55 -18.44
CA LEU A 286 1.70 -6.63 -18.22
C LEU A 286 1.77 -5.57 -19.31
N GLU A 287 1.49 -5.95 -20.56
CA GLU A 287 1.46 -4.98 -21.65
C GLU A 287 0.42 -3.89 -21.40
N LYS A 288 -0.68 -4.23 -20.74
CA LYS A 288 -1.74 -3.27 -20.46
C LYS A 288 -1.46 -2.42 -19.23
N MET A 289 -0.59 -2.86 -18.32
CA MET A 289 -0.28 -2.09 -17.12
C MET A 289 0.92 -1.19 -17.30
N LEU A 290 1.94 -1.68 -18.00
CA LEU A 290 3.23 -0.98 -18.09
C LEU A 290 3.25 -0.08 -19.33
N VAL A 291 2.36 0.90 -19.29
CA VAL A 291 2.18 1.88 -20.34
C VAL A 291 2.51 3.24 -19.75
N LEU A 292 3.34 4.02 -20.46
CA LEU A 292 3.75 5.32 -19.96
C LEU A 292 2.56 6.29 -19.91
N ASP A 293 1.66 6.21 -20.87
CA ASP A 293 0.46 7.05 -20.92
C ASP A 293 -0.51 6.60 -19.84
N SER A 294 -0.56 7.35 -18.73
CA SER A 294 -1.41 6.95 -17.61
C SER A 294 -2.90 6.97 -17.97
N ASP A 295 -3.30 7.67 -19.04
CA ASP A 295 -4.68 7.63 -19.48
C ASP A 295 -5.00 6.41 -20.34
N LYS A 296 -3.98 5.70 -20.83
CA LYS A 296 -4.15 4.45 -21.55
C LYS A 296 -3.95 3.22 -20.66
N ARG A 297 -3.50 3.40 -19.42
CA ARG A 297 -3.25 2.28 -18.53
C ARG A 297 -4.55 1.64 -18.09
N ILE A 298 -4.54 0.30 -17.97
CA ILE A 298 -5.72 -0.42 -17.49
C ILE A 298 -6.00 -0.02 -16.05
N THR A 299 -7.29 0.06 -15.70
CA THR A 299 -7.68 0.35 -14.32
C THR A 299 -7.74 -0.94 -13.51
N ALA A 300 -7.81 -0.79 -12.18
CA ALA A 300 -7.89 -1.97 -11.33
C ALA A 300 -9.14 -2.80 -11.66
N ALA A 301 -10.30 -2.15 -11.79
CA ALA A 301 -11.52 -2.89 -12.09
C ALA A 301 -11.44 -3.59 -13.44
N GLN A 302 -10.84 -2.94 -14.43
CA GLN A 302 -10.63 -3.60 -15.72
C GLN A 302 -9.69 -4.79 -15.59
N ALA A 303 -8.60 -4.64 -14.83
CA ALA A 303 -7.65 -5.73 -14.69
C ALA A 303 -8.28 -6.95 -14.04
N LEU A 304 -9.21 -6.75 -13.11
CA LEU A 304 -9.84 -7.88 -12.43
C LEU A 304 -10.66 -8.74 -13.38
N ALA A 305 -11.11 -8.17 -14.50
CA ALA A 305 -11.88 -8.89 -15.50
C ALA A 305 -11.00 -9.58 -16.52
N HIS A 306 -9.69 -9.37 -16.46
CA HIS A 306 -8.77 -9.95 -17.43
C HIS A 306 -8.69 -11.46 -17.25
N ALA A 307 -8.57 -12.19 -18.37
CA ALA A 307 -8.59 -13.65 -18.32
C ALA A 307 -7.48 -14.24 -17.46
N TYR A 308 -6.38 -13.50 -17.22
CA TYR A 308 -5.33 -14.02 -16.35
C TYR A 308 -5.86 -14.43 -14.97
N PHE A 309 -6.91 -13.77 -14.49
CA PHE A 309 -7.48 -14.02 -13.17
C PHE A 309 -8.77 -14.85 -13.21
N ALA A 310 -9.03 -15.51 -14.34
CA ALA A 310 -10.31 -16.19 -14.55
C ALA A 310 -10.67 -17.12 -13.39
N GLN A 311 -9.69 -17.85 -12.84
CA GLN A 311 -10.01 -18.81 -11.79
C GLN A 311 -10.31 -18.17 -10.44
N TYR A 312 -10.02 -16.88 -10.26
CA TYR A 312 -10.28 -16.18 -9.02
C TYR A 312 -11.41 -15.15 -9.12
N HIS A 313 -11.62 -14.57 -10.29
CA HIS A 313 -12.54 -13.45 -10.45
C HIS A 313 -13.94 -13.83 -9.99
N ASP A 314 -14.58 -12.92 -9.28
CA ASP A 314 -15.93 -13.12 -8.76
C ASP A 314 -16.51 -11.73 -8.59
N PRO A 315 -17.33 -11.28 -9.55
CA PRO A 315 -17.85 -9.90 -9.47
C PRO A 315 -18.64 -9.60 -8.21
N ASP A 316 -19.28 -10.61 -7.61
CA ASP A 316 -20.04 -10.43 -6.37
C ASP A 316 -19.15 -10.21 -5.16
N ASP A 317 -17.84 -10.41 -5.30
CA ASP A 317 -16.91 -10.31 -4.17
C ASP A 317 -15.78 -9.36 -4.51
N GLU A 318 -16.06 -8.33 -5.30
CA GLU A 318 -15.09 -7.29 -5.67
C GLU A 318 -15.73 -5.95 -5.40
N PRO A 319 -15.99 -5.62 -4.13
CA PRO A 319 -16.84 -4.47 -3.83
C PRO A 319 -16.10 -3.15 -3.94
N VAL A 320 -16.91 -2.09 -4.03
CA VAL A 320 -16.43 -0.73 -3.98
C VAL A 320 -16.64 -0.17 -2.57
N ALA A 321 -16.07 1.00 -2.32
CA ALA A 321 -16.12 1.62 -1.01
C ALA A 321 -17.30 2.59 -0.88
N ASP A 322 -17.73 2.80 0.36
CA ASP A 322 -18.66 3.87 0.65
C ASP A 322 -17.98 5.21 0.37
N PRO A 323 -18.75 6.24 0.03
CA PRO A 323 -18.16 7.55 -0.23
C PRO A 323 -17.32 8.02 0.95
N TYR A 324 -16.19 8.64 0.64
CA TYR A 324 -15.22 9.06 1.63
C TYR A 324 -15.03 10.56 1.53
N ASP A 325 -15.34 11.27 2.62
CA ASP A 325 -15.29 12.73 2.68
C ASP A 325 -13.88 13.17 3.04
N GLN A 326 -13.14 13.70 2.07
CA GLN A 326 -11.78 14.18 2.27
C GLN A 326 -11.69 15.70 2.29
N SER A 327 -12.81 16.38 2.56
CA SER A 327 -12.78 17.84 2.53
C SER A 327 -11.78 18.42 3.52
N PHE A 328 -11.49 17.69 4.60
CA PHE A 328 -10.51 18.15 5.59
C PHE A 328 -9.12 18.40 4.98
N GLU A 329 -8.80 17.76 3.87
CA GLU A 329 -7.44 17.86 3.33
C GLU A 329 -7.11 19.28 2.90
N SER A 330 -8.10 20.04 2.46
CA SER A 330 -7.83 21.40 2.02
C SER A 330 -7.78 22.41 3.16
N ARG A 331 -8.03 21.98 4.40
CA ARG A 331 -8.15 22.88 5.54
C ARG A 331 -6.86 22.94 6.35
N ASP A 332 -6.48 24.16 6.74
CA ASP A 332 -5.43 24.38 7.72
C ASP A 332 -6.10 24.66 9.06
N LEU A 333 -5.90 23.77 10.02
CA LEU A 333 -6.43 23.95 11.37
C LEU A 333 -5.27 24.02 12.36
N LEU A 334 -5.56 24.51 13.56
CA LEU A 334 -4.53 24.53 14.60
C LEU A 334 -4.27 23.13 15.12
N ILE A 335 -3.09 22.95 15.72
CA ILE A 335 -2.71 21.64 16.24
C ILE A 335 -3.75 21.10 17.19
N ASP A 336 -4.28 21.95 18.08
CA ASP A 336 -5.26 21.45 19.04
C ASP A 336 -6.58 21.10 18.40
N GLU A 337 -6.90 21.70 17.24
CA GLU A 337 -8.09 21.32 16.51
C GLU A 337 -7.93 19.94 15.87
N TRP A 338 -6.78 19.68 15.23
CA TRP A 338 -6.53 18.33 14.72
C TRP A 338 -6.54 17.32 15.86
N LYS A 339 -5.95 17.69 17.00
CA LYS A 339 -5.91 16.78 18.14
C LYS A 339 -7.30 16.45 18.62
N SER A 340 -8.16 17.48 18.77
CA SER A 340 -9.53 17.25 19.23
C SER A 340 -10.33 16.43 18.23
N LEU A 341 -10.19 16.73 16.95
CA LEU A 341 -10.84 15.92 15.92
C LEU A 341 -10.38 14.47 16.00
N THR A 342 -9.08 14.25 16.19
CA THR A 342 -8.56 12.88 16.32
C THR A 342 -9.13 12.20 17.55
N TYR A 343 -9.16 12.90 18.68
CA TYR A 343 -9.77 12.35 19.89
C TYR A 343 -11.22 11.95 19.62
N ASP A 344 -11.97 12.80 18.93
CA ASP A 344 -13.36 12.47 18.59
C ASP A 344 -13.42 11.16 17.82
N GLU A 345 -12.51 10.97 16.87
CA GLU A 345 -12.50 9.76 16.06
C GLU A 345 -12.11 8.54 16.87
N VAL A 346 -11.22 8.70 17.86
CA VAL A 346 -10.89 7.60 18.76
C VAL A 346 -12.13 7.19 19.55
N ILE A 347 -12.78 8.18 20.17
CA ILE A 347 -13.90 7.90 21.07
C ILE A 347 -15.10 7.31 20.34
N SER A 348 -15.33 7.73 19.10
CA SER A 348 -16.50 7.28 18.34
C SER A 348 -16.27 5.96 17.62
N PHE A 349 -15.06 5.42 17.65
CA PHE A 349 -14.79 4.19 16.92
C PHE A 349 -15.67 3.05 17.42
N VAL A 350 -16.26 2.31 16.49
CA VAL A 350 -17.09 1.16 16.78
C VAL A 350 -16.38 -0.08 16.22
N PRO A 351 -15.92 -1.00 17.06
CA PRO A 351 -15.23 -2.18 16.54
C PRO A 351 -16.15 -3.02 15.69
N PRO A 352 -15.64 -3.58 14.59
CA PRO A 352 -16.45 -4.40 13.72
C PRO A 352 -16.77 -5.73 14.39
N PRO A 353 -17.80 -6.43 13.91
CA PRO A 353 -18.03 -7.80 14.38
C PRO A 353 -16.80 -8.64 14.07
N LEU A 354 -16.59 -9.65 14.91
CA LEU A 354 -15.48 -10.57 14.68
C LEU A 354 -15.63 -11.30 13.35
N ASP A 355 -16.85 -11.76 13.05
CA ASP A 355 -17.16 -12.46 11.81
C ASP A 355 -18.06 -11.54 11.00
N GLN A 356 -17.52 -11.00 9.90
CA GLN A 356 -18.25 -10.08 9.03
C GLN A 356 -18.55 -10.68 7.66
N GLU A 357 -18.42 -11.99 7.51
CA GLU A 357 -18.53 -12.61 6.20
C GLU A 357 -19.48 -13.79 6.25
N GLU A 358 -20.09 -14.09 5.10
CA GLU A 358 -21.01 -15.20 4.96
C GLU A 358 -20.69 -15.97 3.69
N MET A 359 -21.09 -17.24 3.67
CA MET A 359 -20.89 -18.08 2.49
C MET A 359 -21.61 -17.45 1.29
N GLU A 360 -21.00 -17.59 0.11
CA GLU A 360 -21.47 -16.90 -1.08
C GLU A 360 -22.79 -17.47 -1.62
CA1 SB4 B . 5.42 -3.34 9.34
CA2 SB4 B . 6.40 -4.41 8.89
NA3 SB4 B . 6.32 -4.61 7.45
CA4 SB4 B . 4.97 -5.04 7.04
CA5 SB4 B . 3.93 -4.01 7.44
CA6 SB4 B . 4.01 -3.75 8.93
CB1 SB4 B . -0.43 -2.08 12.12
CB2 SB4 B . -1.61 -1.77 12.77
CB3 SB4 B . -2.44 -0.85 12.18
CB4 SB4 B . -2.16 -0.23 11.00
CB5 SB4 B . -0.97 -0.54 10.35
CB6 SB4 B . -0.09 -1.49 10.90
FB7 SB4 B . -3.62 -0.56 12.81
CC1 SB4 B . -0.04 -4.75 10.06
CC2 SB4 B . 1.30 -4.40 10.26
NC3 SB4 B . 2.20 -5.33 10.62
CC4 SB4 B . 1.76 -6.59 10.81
NC5 SB4 B . 0.49 -6.99 10.64
CC6 SB4 B . -0.40 -6.06 10.27
NC7 SB4 B . 2.67 -7.50 11.17
ND1 SB4 B . 3.00 -2.77 9.40
CD2 SB4 B . 3.10 -1.42 9.29
ND3 SB4 B . 2.03 -0.81 9.79
CD4 SB4 B . 1.19 -1.82 10.25
CD5 SB4 B . 1.78 -3.04 10.01
CA CA C . -18.88 -16.16 8.66
CA CA D . -16.03 -16.38 -4.62
CA CA E . -22.18 -15.22 -5.93
CA CA F . -10.85 -16.01 6.80
C1 LOT G . 13.12 -13.94 -17.73
C2 LOT G . 11.87 -15.42 -16.51
C3 LOT G . 10.59 -17.53 -16.16
C4 LOT G . 9.14 -17.95 -16.10
C5 LOT G . 8.35 -16.68 -16.35
C6 LOT G . 9.37 -15.59 -16.54
C7 LOT G . 12.82 -15.51 -15.51
N1 LOT G . 12.00 -14.66 -17.61
N2 LOT G . 10.64 -16.16 -16.41
C8 LOT G . 13.98 -14.77 -15.66
N LOT G . 15.24 -11.47 -16.62
C LOT G . 14.13 -13.96 -16.78
O LOT G . 16.54 -13.45 -16.00
O1 LOT G . 15.96 -13.04 -18.35
O2 LOT G . 11.58 -18.24 -16.01
O3 LOT G . 9.17 -14.41 -16.76
S LOT G . 15.59 -12.99 -16.97
C7 LOW H . 16.10 -5.39 -19.88
C1 LOW H . 15.29 -3.56 -17.74
C8 LOW H . 16.45 -3.90 -19.93
C3 LOW H . 13.59 -5.28 -18.38
C2 LOW H . 14.94 -5.05 -17.68
C4 LOW H . 13.68 -4.82 -19.84
C5 LOW H . 14.02 -3.33 -19.89
C6 LOW H . 14.75 -5.62 -20.56
C9 LOW H . 16.01 -5.86 -18.42
N LOW H . 14.86 -5.48 -16.27
C LOW H . 15.36 -3.10 -19.20
O LOW H . 15.67 -1.70 -19.23
S SO4 I . 13.88 -8.62 -16.03
O1 SO4 I . 15.06 -8.65 -16.89
O2 SO4 I . 13.83 -9.89 -15.31
O3 SO4 I . 12.67 -8.45 -16.81
O4 SO4 I . 14.00 -7.52 -15.09
#